data_1K3D
#
_entry.id   1K3D
#
_cell.length_a   126.033
_cell.length_b   95.844
_cell.length_c   46.608
_cell.angle_alpha   90.00
_cell.angle_beta   95.59
_cell.angle_gamma   90.00
#
_symmetry.space_group_name_H-M   'C 1 2 1'
#
loop_
_entity.id
_entity.type
_entity.pdbx_description
1 polymer 'Phosphoenolpyruvate carboxykinase'
2 non-polymer 'MAGNESIUM ION'
3 non-polymer "ADENOSINE-5'-DIPHOSPHATE"
4 non-polymer 'ALUMINUM FLUORIDE'
5 water water
#
_entity_poly.entity_id   1
_entity_poly.type   'polypeptide(L)'
_entity_poly.pdbx_seq_one_letter_code
;MRVNNGLTPQELEAYGISDVHDIVYNPSYDLLYQEELDPSLTGYERGVLTNLGAVAVDTGIFTGRSPKDKYIVRDDTTRD
TFWWADKGKGKNDNKPLSPETWQHLKGLVTRQLSGKRLFVVDAFCGANPDTRLSVRFITEVAWQAHFVKNMFIRPSDEEL
AGFKPDFIVMNGAKCTNPQWKEQGLNSENFVAFNLTERMQLIGGTWYGGEMKKGMFSMMNYLLPLKGIASMHCSANVGEK
GDVAVFFGLSGTGKTTLSTDPKRRLIGDDEHGWDDDGVFNFEGGCYAKTIKLSKEAEPEIYNAIRRDALLENVTVREDGT
IDFDDGSKTENTRVSYPIYHIDNIVKPVSKAGHATKVIFLTADAFGVLPPVSRLTADQTQYHFLSGFTAKLAGTERGITE
PTPTFSACFGAAFLSLHPTQYAEVLVKRMQAAGAQAYLVNTGWNGTGKRISIKDTRAIIDAILNGSLDNAETFTLPMFNL
AIPTELPGVDTKILDPRNTYASPEQWQEKAETLAKLFIDNFDKYTDTPAGAALVAAGPKL
;
_entity_poly.pdbx_strand_id   A
#
# COMPACT_ATOMS: atom_id res chain seq x y z
N GLY A 6 14.34 27.00 -7.09
CA GLY A 6 14.55 26.51 -8.48
C GLY A 6 15.86 25.74 -8.65
N LEU A 7 15.90 24.88 -9.66
CA LEU A 7 17.08 24.08 -9.94
C LEU A 7 17.90 24.62 -11.10
N THR A 8 19.11 24.06 -11.26
CA THR A 8 20.03 24.45 -12.32
C THR A 8 20.72 23.18 -12.80
N PRO A 9 21.16 23.16 -14.07
CA PRO A 9 21.84 21.99 -14.65
C PRO A 9 23.04 21.49 -13.83
N GLN A 10 23.56 22.37 -12.96
CA GLN A 10 24.71 22.04 -12.12
C GLN A 10 24.39 21.15 -10.92
N GLU A 11 23.22 21.38 -10.31
CA GLU A 11 22.80 20.59 -9.15
C GLU A 11 22.54 19.14 -9.59
N LEU A 12 22.16 18.98 -10.86
CA LEU A 12 21.90 17.66 -11.42
C LEU A 12 23.23 16.97 -11.69
N GLU A 13 24.21 17.73 -12.16
CA GLU A 13 25.52 17.16 -12.46
C GLU A 13 26.18 16.51 -11.26
N ALA A 14 25.74 16.92 -10.06
CA ALA A 14 26.28 16.37 -8.83
C ALA A 14 25.80 14.93 -8.67
N TYR A 15 24.60 14.65 -9.16
CA TYR A 15 23.99 13.33 -9.10
C TYR A 15 24.60 12.40 -10.15
N GLY A 16 25.38 12.97 -11.06
CA GLY A 16 26.00 12.19 -12.11
C GLY A 16 25.30 12.34 -13.45
N ILE A 17 24.39 13.30 -13.54
CA ILE A 17 23.63 13.57 -14.77
C ILE A 17 24.28 14.74 -15.51
N SER A 18 24.57 14.54 -16.79
CA SER A 18 25.21 15.55 -17.61
C SER A 18 24.39 16.04 -18.80
N ASP A 19 24.88 17.09 -19.44
CA ASP A 19 24.26 17.69 -20.63
C ASP A 19 22.75 17.85 -20.58
N VAL A 20 22.24 18.34 -19.45
CA VAL A 20 20.80 18.53 -19.28
C VAL A 20 20.28 19.66 -20.17
N HIS A 21 19.40 19.31 -21.10
CA HIS A 21 18.84 20.27 -22.04
C HIS A 21 17.84 21.23 -21.39
N ASP A 22 16.88 20.68 -20.64
CA ASP A 22 15.85 21.49 -20.03
C ASP A 22 15.26 20.84 -18.79
N ILE A 23 15.12 21.62 -17.72
CA ILE A 23 14.54 21.13 -16.47
C ILE A 23 13.16 21.71 -16.25
N VAL A 24 12.18 20.84 -15.99
CA VAL A 24 10.81 21.25 -15.70
C VAL A 24 10.64 21.05 -14.20
N TYR A 25 11.00 22.06 -13.43
CA TYR A 25 10.93 22.00 -11.98
C TYR A 25 9.53 22.21 -11.40
N ASN A 26 9.09 21.22 -10.61
CA ASN A 26 7.78 21.20 -9.96
C ASN A 26 6.66 21.70 -10.86
N PRO A 27 6.41 20.98 -11.97
CA PRO A 27 5.35 21.37 -12.91
C PRO A 27 3.98 21.43 -12.28
N SER A 28 3.20 22.43 -12.67
CA SER A 28 1.85 22.58 -12.18
C SER A 28 0.99 21.55 -12.88
N TYR A 29 -0.23 21.36 -12.37
CA TYR A 29 -1.17 20.41 -12.96
C TYR A 29 -1.49 20.77 -14.39
N ASP A 30 -1.55 22.07 -14.66
CA ASP A 30 -1.86 22.58 -15.99
C ASP A 30 -0.80 22.19 -17.02
N LEU A 31 0.46 22.36 -16.67
CA LEU A 31 1.56 22.01 -17.56
C LEU A 31 1.58 20.51 -17.83
N LEU A 32 1.44 19.73 -16.76
CA LEU A 32 1.43 18.26 -16.83
C LEU A 32 0.34 17.78 -17.76
N TYR A 33 -0.81 18.44 -17.68
CA TYR A 33 -1.98 18.13 -18.50
C TYR A 33 -1.64 18.36 -19.98
N GLN A 34 -0.95 19.46 -20.25
CA GLN A 34 -0.53 19.86 -21.59
C GLN A 34 0.55 18.93 -22.15
N GLU A 35 1.47 18.56 -21.26
CA GLU A 35 2.59 17.66 -21.57
C GLU A 35 2.15 16.24 -21.94
N GLU A 36 1.13 15.75 -21.24
CA GLU A 36 0.62 14.40 -21.46
C GLU A 36 -0.23 14.32 -22.73
N LEU A 37 -0.87 15.43 -23.05
CA LEU A 37 -1.70 15.50 -24.23
C LEU A 37 -0.95 15.91 -25.51
N ASP A 38 0.36 16.17 -25.40
CA ASP A 38 1.20 16.53 -26.55
C ASP A 38 1.05 15.44 -27.61
N PRO A 39 0.40 15.77 -28.74
CA PRO A 39 0.16 14.82 -29.85
C PRO A 39 1.41 14.22 -30.48
N SER A 40 2.57 14.77 -30.15
CA SER A 40 3.81 14.25 -30.70
C SER A 40 4.38 13.11 -29.86
N LEU A 41 3.81 12.87 -28.68
CA LEU A 41 4.27 11.78 -27.81
C LEU A 41 3.96 10.41 -28.40
N THR A 42 4.87 9.48 -28.21
CA THR A 42 4.71 8.14 -28.73
C THR A 42 5.09 7.08 -27.69
N GLY A 43 4.47 5.91 -27.81
CA GLY A 43 4.77 4.84 -26.88
C GLY A 43 4.04 4.96 -25.56
N TYR A 44 4.69 4.55 -24.48
CA TYR A 44 4.09 4.59 -23.16
C TYR A 44 4.00 5.96 -22.51
N GLU A 45 4.68 6.95 -23.09
CA GLU A 45 4.64 8.32 -22.59
C GLU A 45 3.31 8.98 -22.92
N ARG A 46 2.70 8.52 -23.99
CA ARG A 46 1.43 9.02 -24.51
C ARG A 46 0.18 8.81 -23.68
N GLY A 47 -0.48 9.93 -23.37
CA GLY A 47 -1.70 9.85 -22.60
C GLY A 47 -2.90 10.18 -23.47
N VAL A 48 -4.07 9.68 -23.07
CA VAL A 48 -5.31 9.95 -23.81
C VAL A 48 -6.28 10.60 -22.85
N LEU A 49 -7.13 11.47 -23.38
CA LEU A 49 -8.11 12.18 -22.57
C LEU A 49 -9.42 11.40 -22.56
N THR A 50 -9.94 11.14 -21.36
CA THR A 50 -11.19 10.40 -21.22
C THR A 50 -12.35 11.37 -21.03
N ASN A 51 -13.56 10.90 -21.29
CA ASN A 51 -14.76 11.73 -21.16
C ASN A 51 -14.94 12.34 -19.76
N LEU A 52 -14.34 11.72 -18.74
CA LEU A 52 -14.44 12.20 -17.37
C LEU A 52 -13.48 13.35 -17.10
N GLY A 53 -12.68 13.71 -18.10
CA GLY A 53 -11.74 14.81 -17.95
C GLY A 53 -10.35 14.41 -17.48
N ALA A 54 -10.19 13.16 -17.04
CA ALA A 54 -8.87 12.70 -16.59
C ALA A 54 -8.12 12.04 -17.74
N VAL A 55 -6.80 12.10 -17.70
CA VAL A 55 -5.94 11.50 -18.73
C VAL A 55 -5.63 10.06 -18.27
N ALA A 56 -5.58 9.15 -19.24
CA ALA A 56 -5.31 7.73 -18.97
C ALA A 56 -4.02 7.32 -19.65
N VAL A 57 -3.13 6.67 -18.90
CA VAL A 57 -1.87 6.21 -19.45
C VAL A 57 -1.76 4.70 -19.36
N ASP A 58 -0.70 4.18 -19.97
CA ASP A 58 -0.40 2.76 -20.03
C ASP A 58 1.00 2.60 -19.47
N THR A 59 1.14 1.82 -18.40
CA THR A 59 2.44 1.62 -17.76
C THR A 59 3.32 0.60 -18.47
N GLY A 60 2.85 0.10 -19.61
CA GLY A 60 3.62 -0.86 -20.38
C GLY A 60 3.46 -2.30 -19.97
N ILE A 61 4.58 -3.02 -19.98
CA ILE A 61 4.60 -4.43 -19.63
C ILE A 61 4.27 -4.63 -18.17
N PHE A 62 4.83 -3.79 -17.31
CA PHE A 62 4.60 -3.87 -15.88
C PHE A 62 3.34 -3.16 -15.40
N THR A 63 2.38 -3.95 -14.95
CA THR A 63 1.09 -3.45 -14.46
C THR A 63 0.97 -3.62 -12.94
N GLY A 64 2.11 -3.79 -12.28
CA GLY A 64 2.13 -3.97 -10.85
C GLY A 64 3.58 -4.00 -10.46
N ARG A 65 3.83 -4.18 -9.17
CA ARG A 65 5.19 -4.23 -8.67
C ARG A 65 5.96 -5.47 -9.12
N SER A 66 7.28 -5.38 -9.01
CA SER A 66 8.17 -6.47 -9.38
C SER A 66 9.14 -6.68 -8.21
N PRO A 67 8.67 -7.38 -7.15
CA PRO A 67 9.46 -7.67 -5.95
C PRO A 67 10.73 -8.44 -6.21
N LYS A 68 10.73 -9.25 -7.26
CA LYS A 68 11.89 -10.06 -7.64
C LYS A 68 13.06 -9.23 -8.15
N ASP A 69 12.79 -7.97 -8.49
CA ASP A 69 13.83 -7.08 -8.98
C ASP A 69 14.21 -6.01 -7.97
N LYS A 70 13.72 -6.17 -6.74
CA LYS A 70 14.03 -5.24 -5.65
C LYS A 70 15.33 -5.64 -4.96
N TYR A 71 16.24 -4.68 -4.82
CA TYR A 71 17.53 -4.91 -4.20
C TYR A 71 17.91 -3.75 -3.29
N ILE A 72 18.62 -4.04 -2.22
CA ILE A 72 19.09 -3.02 -1.28
C ILE A 72 20.59 -3.26 -1.11
N VAL A 73 21.37 -2.19 -1.27
CA VAL A 73 22.81 -2.30 -1.15
C VAL A 73 23.27 -2.65 0.27
N ARG A 74 24.02 -3.74 0.39
CA ARG A 74 24.54 -4.16 1.68
C ARG A 74 25.89 -3.50 1.89
N ASP A 75 25.92 -2.49 2.73
CA ASP A 75 27.14 -1.77 3.05
C ASP A 75 27.22 -1.61 4.56
N ASP A 76 28.08 -0.73 5.04
CA ASP A 76 28.23 -0.50 6.47
C ASP A 76 27.03 0.17 7.16
N THR A 77 26.14 0.76 6.38
CA THR A 77 24.97 1.45 6.90
C THR A 77 23.77 0.51 7.09
N THR A 78 23.63 -0.45 6.17
CA THR A 78 22.51 -1.37 6.19
C THR A 78 22.77 -2.80 6.63
N ARG A 79 24.04 -3.19 6.68
CA ARG A 79 24.39 -4.57 7.03
C ARG A 79 23.76 -5.16 8.28
N ASP A 80 23.95 -4.50 9.41
CA ASP A 80 23.46 -4.97 10.69
C ASP A 80 22.04 -4.57 11.08
N THR A 81 21.40 -3.71 10.28
CA THR A 81 20.06 -3.26 10.60
C THR A 81 18.94 -3.84 9.74
N PHE A 82 19.22 -4.04 8.46
CA PHE A 82 18.24 -4.57 7.53
C PHE A 82 17.82 -6.03 7.71
N TRP A 83 16.58 -6.33 7.31
CA TRP A 83 16.02 -7.66 7.37
C TRP A 83 16.33 -8.29 6.02
N TRP A 84 17.54 -8.83 5.89
CA TRP A 84 18.02 -9.44 4.65
C TRP A 84 17.35 -10.76 4.29
N ALA A 85 17.05 -10.93 3.00
CA ALA A 85 16.38 -12.14 2.50
C ALA A 85 17.22 -13.42 2.61
N ASP A 86 18.53 -13.25 2.75
CA ASP A 86 19.45 -14.39 2.85
C ASP A 86 19.98 -14.54 4.26
N LYS A 87 19.59 -13.63 5.15
CA LYS A 87 20.02 -13.63 6.53
C LYS A 87 18.85 -14.02 7.43
N GLY A 88 17.95 -13.06 7.65
CA GLY A 88 16.79 -13.29 8.49
C GLY A 88 15.79 -14.33 8.04
N LYS A 89 15.31 -15.10 9.02
CA LYS A 89 14.31 -16.15 8.80
C LYS A 89 13.07 -15.47 8.23
N GLY A 90 12.28 -16.23 7.49
CA GLY A 90 11.09 -15.68 6.88
C GLY A 90 11.45 -15.08 5.54
N LYS A 91 10.69 -15.48 4.52
CA LYS A 91 10.92 -15.01 3.18
C LYS A 91 10.55 -13.53 2.99
N ASN A 92 11.43 -12.80 2.33
CA ASN A 92 11.24 -11.38 2.03
C ASN A 92 11.98 -11.01 0.74
N ASP A 93 11.78 -9.79 0.25
CA ASP A 93 12.38 -9.32 -1.00
C ASP A 93 13.59 -8.40 -0.84
N ASN A 94 14.10 -8.29 0.38
CA ASN A 94 15.25 -7.45 0.64
C ASN A 94 16.55 -8.15 0.22
N LYS A 95 16.74 -8.30 -1.09
CA LYS A 95 17.92 -8.95 -1.63
C LYS A 95 19.16 -8.05 -1.58
N PRO A 96 20.27 -8.58 -1.06
CA PRO A 96 21.49 -7.77 -0.99
C PRO A 96 22.07 -7.43 -2.36
N LEU A 97 22.63 -6.24 -2.46
CA LEU A 97 23.23 -5.76 -3.69
C LEU A 97 24.61 -5.19 -3.37
N SER A 98 25.61 -5.54 -4.18
CA SER A 98 26.97 -5.04 -3.96
C SER A 98 27.06 -3.55 -4.31
N PRO A 99 27.96 -2.81 -3.63
CA PRO A 99 28.11 -1.38 -3.91
C PRO A 99 28.61 -1.18 -5.35
N GLU A 100 29.36 -2.16 -5.85
CA GLU A 100 29.90 -2.13 -7.21
C GLU A 100 28.81 -2.32 -8.27
N THR A 101 27.90 -3.25 -8.03
CA THR A 101 26.81 -3.49 -8.98
C THR A 101 25.86 -2.29 -8.95
N TRP A 102 25.73 -1.67 -7.78
CA TRP A 102 24.88 -0.49 -7.62
C TRP A 102 25.40 0.64 -8.53
N GLN A 103 26.71 0.84 -8.50
CA GLN A 103 27.38 1.86 -9.32
C GLN A 103 27.20 1.61 -10.81
N HIS A 104 27.07 0.33 -11.17
CA HIS A 104 26.86 -0.05 -12.56
C HIS A 104 25.45 0.35 -12.97
N LEU A 105 24.48 0.10 -12.08
CA LEU A 105 23.09 0.43 -12.33
C LEU A 105 22.93 1.96 -12.34
N LYS A 106 23.63 2.64 -11.44
CA LYS A 106 23.57 4.08 -11.36
C LYS A 106 24.08 4.69 -12.67
N GLY A 107 25.17 4.14 -13.20
CA GLY A 107 25.73 4.61 -14.45
C GLY A 107 24.74 4.48 -15.58
N LEU A 108 23.98 3.38 -15.58
CA LEU A 108 22.97 3.12 -16.58
C LEU A 108 21.84 4.13 -16.52
N VAL A 109 21.40 4.46 -15.30
CA VAL A 109 20.31 5.40 -15.15
C VAL A 109 20.69 6.86 -15.44
N THR A 110 21.83 7.31 -14.92
CA THR A 110 22.28 8.69 -15.13
C THR A 110 22.63 9.01 -16.59
N ARG A 111 23.15 8.01 -17.31
CA ARG A 111 23.51 8.15 -18.72
C ARG A 111 22.23 8.22 -19.53
N GLN A 112 21.20 7.53 -19.03
CA GLN A 112 19.88 7.50 -19.65
C GLN A 112 19.17 8.84 -19.51
N LEU A 113 19.36 9.50 -18.37
CA LEU A 113 18.73 10.79 -18.10
C LEU A 113 19.58 11.98 -18.54
N SER A 114 20.77 11.68 -19.07
CA SER A 114 21.69 12.70 -19.58
C SER A 114 21.26 13.19 -20.97
N GLY A 115 21.42 14.50 -21.20
CA GLY A 115 21.06 15.08 -22.48
C GLY A 115 19.57 15.09 -22.76
N LYS A 116 18.77 14.87 -21.73
CA LYS A 116 17.32 14.85 -21.87
C LYS A 116 16.75 16.10 -21.22
N ARG A 117 15.45 16.30 -21.41
CA ARG A 117 14.72 17.40 -20.80
C ARG A 117 14.06 16.68 -19.61
N LEU A 118 14.59 16.92 -18.42
CA LEU A 118 14.08 16.26 -17.23
C LEU A 118 12.95 16.97 -16.48
N PHE A 119 12.17 16.17 -15.76
CA PHE A 119 11.07 16.65 -14.92
C PHE A 119 11.54 16.42 -13.50
N VAL A 120 11.64 17.49 -12.72
CA VAL A 120 12.11 17.37 -11.35
C VAL A 120 11.01 17.77 -10.37
N VAL A 121 10.60 16.82 -9.54
CA VAL A 121 9.56 17.07 -8.56
C VAL A 121 10.07 16.89 -7.13
N ASP A 122 10.06 17.98 -6.37
CA ASP A 122 10.45 17.97 -4.97
C ASP A 122 9.17 17.87 -4.16
N ALA A 123 9.11 16.87 -3.28
CA ALA A 123 7.92 16.65 -2.44
C ALA A 123 8.34 16.10 -1.09
N PHE A 124 7.38 15.94 -0.20
CA PHE A 124 7.66 15.41 1.13
C PHE A 124 6.98 14.05 1.29
N CYS A 125 7.58 13.20 2.11
CA CYS A 125 7.02 11.90 2.43
C CYS A 125 6.88 11.96 3.95
N GLY A 126 5.68 12.26 4.42
CA GLY A 126 5.41 12.40 5.85
C GLY A 126 4.81 13.78 6.12
N ALA A 127 3.65 13.82 6.77
CA ALA A 127 2.95 15.06 7.07
C ALA A 127 3.56 15.94 8.16
N ASN A 128 4.43 15.34 8.98
CA ASN A 128 5.09 16.06 10.08
C ASN A 128 6.55 16.38 9.75
N PRO A 129 6.90 17.68 9.79
CA PRO A 129 8.25 18.19 9.50
C PRO A 129 9.44 17.56 10.26
N ASP A 130 9.16 16.96 11.42
CA ASP A 130 10.21 16.36 12.23
C ASP A 130 10.64 14.94 11.84
N THR A 131 9.78 14.23 11.10
CA THR A 131 10.11 12.87 10.69
C THR A 131 9.96 12.64 9.20
N ARG A 132 9.62 13.71 8.48
CA ARG A 132 9.43 13.63 7.04
C ARG A 132 10.69 13.64 6.20
N LEU A 133 10.61 12.97 5.05
CA LEU A 133 11.70 12.93 4.10
C LEU A 133 11.41 13.92 2.96
N SER A 134 12.43 14.68 2.59
CA SER A 134 12.34 15.61 1.48
C SER A 134 12.88 14.80 0.32
N VAL A 135 12.02 14.39 -0.60
CA VAL A 135 12.44 13.57 -1.73
C VAL A 135 12.51 14.33 -3.05
N ARG A 136 13.53 14.02 -3.85
CA ARG A 136 13.68 14.64 -5.16
C ARG A 136 13.50 13.59 -6.25
N PHE A 137 12.41 13.69 -6.99
CA PHE A 137 12.13 12.76 -8.05
C PHE A 137 12.61 13.32 -9.40
N ILE A 138 13.35 12.51 -10.13
CA ILE A 138 13.87 12.89 -11.44
C ILE A 138 13.36 11.87 -12.46
N THR A 139 12.72 12.37 -13.51
CA THR A 139 12.21 11.50 -14.55
C THR A 139 12.17 12.21 -15.89
N GLU A 140 12.10 11.44 -16.98
CA GLU A 140 12.05 12.03 -18.30
C GLU A 140 10.66 11.85 -18.91
N VAL A 141 9.78 11.21 -18.15
CA VAL A 141 8.40 10.94 -18.56
C VAL A 141 7.43 11.81 -17.74
N ALA A 142 6.66 12.64 -18.43
CA ALA A 142 5.72 13.55 -17.80
C ALA A 142 4.68 12.90 -16.88
N TRP A 143 4.06 11.80 -17.29
CA TRP A 143 3.06 11.18 -16.43
C TRP A 143 3.63 10.60 -15.14
N GLN A 144 4.93 10.33 -15.12
CA GLN A 144 5.58 9.81 -13.92
C GLN A 144 5.76 10.92 -12.91
N ALA A 145 5.98 12.14 -13.40
CA ALA A 145 6.14 13.29 -12.54
C ALA A 145 4.75 13.62 -11.98
N HIS A 146 3.73 13.41 -12.80
CA HIS A 146 2.35 13.66 -12.38
C HIS A 146 2.00 12.71 -11.25
N PHE A 147 2.40 11.45 -11.38
CA PHE A 147 2.16 10.43 -10.36
C PHE A 147 2.75 10.84 -9.02
N VAL A 148 4.01 11.27 -9.01
CA VAL A 148 4.66 11.69 -7.76
C VAL A 148 4.09 13.00 -7.21
N LYS A 149 3.50 13.82 -8.09
CA LYS A 149 2.89 15.07 -7.66
C LYS A 149 1.59 14.74 -6.90
N ASN A 150 0.83 13.78 -7.43
CA ASN A 150 -0.43 13.34 -6.83
C ASN A 150 -0.21 12.56 -5.52
N MET A 151 0.73 11.62 -5.55
CA MET A 151 1.02 10.76 -4.43
C MET A 151 1.77 11.31 -3.24
N PHE A 152 2.69 12.23 -3.47
CA PHE A 152 3.45 12.77 -2.36
C PHE A 152 2.95 14.13 -1.93
N ILE A 153 3.46 14.60 -0.79
CA ILE A 153 3.03 15.87 -0.24
C ILE A 153 3.67 17.05 -0.99
N ARG A 154 2.82 17.82 -1.65
CA ARG A 154 3.23 18.97 -2.44
C ARG A 154 3.63 20.14 -1.55
N PRO A 155 4.89 20.57 -1.62
CA PRO A 155 5.39 21.70 -0.81
C PRO A 155 4.86 23.05 -1.28
N SER A 156 4.83 24.01 -0.37
CA SER A 156 4.39 25.35 -0.68
C SER A 156 5.62 26.09 -1.22
N ASP A 157 5.41 27.29 -1.75
CA ASP A 157 6.49 28.09 -2.31
C ASP A 157 7.52 28.39 -1.23
N GLU A 158 7.03 28.63 -0.02
CA GLU A 158 7.88 28.92 1.12
C GLU A 158 8.74 27.72 1.51
N GLU A 159 8.20 26.52 1.32
CA GLU A 159 8.91 25.29 1.66
C GLU A 159 9.94 24.90 0.61
N LEU A 160 9.62 25.19 -0.65
CA LEU A 160 10.54 24.90 -1.74
C LEU A 160 11.74 25.83 -1.69
N ALA A 161 11.57 26.99 -1.04
CA ALA A 161 12.64 27.98 -0.91
C ALA A 161 13.83 27.36 -0.21
N GLY A 162 13.57 26.74 0.95
CA GLY A 162 14.63 26.11 1.71
C GLY A 162 14.53 24.60 1.62
N PHE A 163 14.38 24.09 0.41
CA PHE A 163 14.26 22.64 0.19
C PHE A 163 15.60 21.95 -0.05
N LYS A 164 15.92 20.97 0.81
CA LYS A 164 17.14 20.17 0.69
C LYS A 164 16.71 18.69 0.69
N PRO A 165 16.91 18.00 -0.45
CA PRO A 165 16.55 16.59 -0.58
C PRO A 165 17.30 15.64 0.36
N ASP A 166 16.54 14.82 1.09
CA ASP A 166 17.12 13.81 2.00
C ASP A 166 17.32 12.53 1.19
N PHE A 167 16.42 12.31 0.24
CA PHE A 167 16.45 11.14 -0.61
C PHE A 167 16.25 11.53 -2.07
N ILE A 168 16.90 10.83 -2.98
CA ILE A 168 16.77 11.10 -4.40
C ILE A 168 16.30 9.83 -5.08
N VAL A 169 15.30 9.97 -5.94
CA VAL A 169 14.81 8.84 -6.70
C VAL A 169 14.83 9.18 -8.19
N MET A 170 15.69 8.44 -8.91
CA MET A 170 15.88 8.58 -10.35
C MET A 170 15.16 7.47 -11.10
N ASN A 171 14.20 7.85 -11.93
CA ASN A 171 13.45 6.88 -12.70
C ASN A 171 13.99 6.75 -14.14
N GLY A 172 14.72 5.65 -14.38
CA GLY A 172 15.28 5.38 -15.69
C GLY A 172 14.54 4.21 -16.33
N ALA A 173 13.21 4.29 -16.28
CA ALA A 173 12.33 3.27 -16.81
C ALA A 173 12.67 2.84 -18.25
N LYS A 174 13.12 3.79 -19.07
CA LYS A 174 13.45 3.50 -20.46
C LYS A 174 14.70 2.65 -20.66
N CYS A 175 15.54 2.56 -19.62
CA CYS A 175 16.75 1.77 -19.69
C CYS A 175 16.68 0.44 -18.94
N THR A 176 17.53 -0.51 -19.35
CA THR A 176 17.62 -1.83 -18.72
C THR A 176 19.10 -2.21 -18.56
N ASN A 177 19.36 -3.18 -17.70
CA ASN A 177 20.71 -3.62 -17.42
C ASN A 177 21.01 -4.86 -18.27
N PRO A 178 21.78 -4.69 -19.36
CA PRO A 178 22.11 -5.83 -20.22
C PRO A 178 23.12 -6.82 -19.62
N GLN A 179 23.77 -6.44 -18.53
CA GLN A 179 24.76 -7.28 -17.86
C GLN A 179 24.21 -8.04 -16.67
N TRP A 180 22.89 -7.99 -16.51
CA TRP A 180 22.26 -8.64 -15.37
C TRP A 180 22.59 -10.12 -15.15
N LYS A 181 22.77 -10.87 -16.24
CA LYS A 181 23.09 -12.30 -16.13
C LYS A 181 24.48 -12.58 -15.58
N GLU A 182 25.42 -11.70 -15.90
CA GLU A 182 26.79 -11.84 -15.44
C GLU A 182 26.94 -11.33 -14.02
N GLN A 183 25.97 -10.52 -13.59
CA GLN A 183 25.97 -9.93 -12.25
C GLN A 183 25.13 -10.69 -11.23
N GLY A 184 24.40 -11.70 -11.68
CA GLY A 184 23.59 -12.50 -10.78
C GLY A 184 22.26 -11.91 -10.33
N LEU A 185 21.69 -11.03 -11.13
CA LEU A 185 20.43 -10.41 -10.80
C LEU A 185 19.28 -11.26 -11.35
N ASN A 186 18.06 -10.87 -11.03
CA ASN A 186 16.88 -11.59 -11.46
C ASN A 186 16.56 -11.32 -12.93
N SER A 187 16.69 -10.06 -13.35
CA SER A 187 16.39 -9.69 -14.74
C SER A 187 17.08 -8.41 -15.17
N GLU A 188 16.77 -7.96 -16.37
CA GLU A 188 17.34 -6.72 -16.90
C GLU A 188 16.74 -5.51 -16.19
N ASN A 189 15.65 -5.72 -15.46
CA ASN A 189 15.01 -4.64 -14.71
C ASN A 189 15.63 -4.51 -13.36
N PHE A 190 15.34 -3.41 -12.68
CA PHE A 190 15.90 -3.20 -11.36
C PHE A 190 15.25 -2.07 -10.57
N VAL A 191 15.06 -2.32 -9.27
CA VAL A 191 14.52 -1.34 -8.33
C VAL A 191 15.51 -1.46 -7.18
N ALA A 192 16.53 -0.62 -7.22
CA ALA A 192 17.57 -0.67 -6.22
C ALA A 192 17.55 0.49 -5.24
N PHE A 193 18.05 0.24 -4.04
CA PHE A 193 18.11 1.23 -2.99
C PHE A 193 19.49 1.25 -2.36
N ASN A 194 20.00 2.44 -2.14
CA ASN A 194 21.31 2.62 -1.50
C ASN A 194 21.05 3.58 -0.35
N LEU A 195 21.25 3.14 0.88
CA LEU A 195 21.02 4.03 2.01
C LEU A 195 22.20 4.92 2.39
N THR A 196 23.38 4.59 1.88
CA THR A 196 24.56 5.42 2.12
C THR A 196 24.43 6.66 1.20
N GLU A 197 24.06 6.42 -0.05
CA GLU A 197 23.86 7.49 -1.01
C GLU A 197 22.47 8.11 -0.92
N ARG A 198 21.55 7.45 -0.22
CA ARG A 198 20.16 7.90 -0.04
C ARG A 198 19.51 8.08 -1.40
N MET A 199 19.50 7.00 -2.17
CA MET A 199 18.97 7.04 -3.52
C MET A 199 18.22 5.79 -3.95
N GLN A 200 17.32 5.96 -4.91
CA GLN A 200 16.55 4.86 -5.48
C GLN A 200 16.70 4.91 -7.01
N LEU A 201 17.03 3.78 -7.61
CA LEU A 201 17.18 3.68 -9.05
C LEU A 201 16.12 2.74 -9.61
N ILE A 202 15.43 3.18 -10.65
CA ILE A 202 14.40 2.36 -11.29
C ILE A 202 14.81 2.21 -12.74
N GLY A 203 14.80 0.98 -13.23
CA GLY A 203 15.17 0.72 -14.61
C GLY A 203 14.32 -0.36 -15.22
N GLY A 204 13.83 -0.13 -16.43
CA GLY A 204 13.03 -1.10 -17.14
C GLY A 204 11.54 -1.14 -16.85
N THR A 205 11.15 -0.87 -15.61
CA THR A 205 9.74 -0.88 -15.26
C THR A 205 9.17 0.55 -15.24
N TRP A 206 7.99 0.73 -15.85
CA TRP A 206 7.33 2.03 -15.90
C TRP A 206 6.36 2.25 -14.76
N TYR A 207 5.88 1.16 -14.17
CA TYR A 207 4.93 1.22 -13.07
C TYR A 207 5.30 2.25 -11.98
N GLY A 208 4.44 3.25 -11.84
CA GLY A 208 4.65 4.29 -10.85
C GLY A 208 4.61 3.81 -9.41
N GLY A 209 3.94 2.68 -9.18
CA GLY A 209 3.84 2.14 -7.84
C GLY A 209 5.20 1.87 -7.21
N GLU A 210 6.23 1.69 -8.04
CA GLU A 210 7.57 1.42 -7.55
C GLU A 210 8.18 2.59 -6.77
N MET A 211 7.81 3.81 -7.15
CA MET A 211 8.34 5.02 -6.51
C MET A 211 7.63 5.26 -5.19
N LYS A 212 6.33 4.99 -5.18
CA LYS A 212 5.47 5.13 -4.02
C LYS A 212 5.84 4.14 -2.91
N LYS A 213 5.81 2.83 -3.24
CA LYS A 213 6.14 1.76 -2.29
C LYS A 213 7.60 1.68 -1.91
N GLY A 214 8.46 2.22 -2.77
CA GLY A 214 9.89 2.24 -2.49
C GLY A 214 10.21 3.21 -1.36
N MET A 215 9.50 4.34 -1.33
CA MET A 215 9.68 5.35 -0.28
C MET A 215 8.99 4.87 1.00
N PHE A 216 7.92 4.09 0.83
CA PHE A 216 7.19 3.52 1.96
C PHE A 216 8.17 2.55 2.66
N SER A 217 8.89 1.75 1.86
CA SER A 217 9.86 0.82 2.39
C SER A 217 10.96 1.55 3.15
N MET A 218 11.27 2.78 2.73
CA MET A 218 12.29 3.59 3.37
C MET A 218 11.78 4.15 4.70
N MET A 219 10.51 4.56 4.73
CA MET A 219 9.89 5.07 5.96
C MET A 219 9.77 3.89 6.95
N ASN A 220 9.52 2.70 6.41
CA ASN A 220 9.40 1.48 7.21
C ASN A 220 10.70 1.09 7.88
N TYR A 221 11.81 1.64 7.40
CA TYR A 221 13.13 1.38 7.93
C TYR A 221 13.52 2.45 8.97
N LEU A 222 13.34 3.71 8.59
CA LEU A 222 13.69 4.87 9.40
C LEU A 222 12.85 5.12 10.66
N LEU A 223 11.54 5.07 10.48
CA LEU A 223 10.62 5.34 11.59
C LEU A 223 10.64 4.41 12.81
N PRO A 224 10.48 3.07 12.63
CA PRO A 224 10.49 2.18 13.80
C PRO A 224 11.77 2.27 14.65
N LEU A 225 12.88 2.62 14.01
CA LEU A 225 14.15 2.75 14.74
C LEU A 225 14.12 3.97 15.67
N LYS A 226 13.15 4.86 15.42
CA LYS A 226 12.94 6.06 16.22
C LYS A 226 11.76 5.84 17.16
N GLY A 227 11.20 4.64 17.15
CA GLY A 227 10.07 4.33 18.00
C GLY A 227 8.73 4.80 17.48
N ILE A 228 8.63 5.00 16.17
CA ILE A 228 7.38 5.46 15.54
C ILE A 228 6.84 4.34 14.67
N ALA A 229 5.55 4.04 14.82
CA ALA A 229 4.93 2.97 14.04
C ALA A 229 4.77 3.40 12.58
N SER A 230 5.21 2.54 11.67
CA SER A 230 5.07 2.81 10.24
C SER A 230 4.12 1.72 9.79
N MET A 231 2.96 2.12 9.29
CA MET A 231 1.90 1.17 8.95
C MET A 231 1.34 1.16 7.53
N HIS A 232 0.94 -0.03 7.07
CA HIS A 232 0.32 -0.17 5.77
C HIS A 232 -1.16 -0.19 6.11
N CYS A 233 -1.73 1.00 6.27
CA CYS A 233 -3.11 1.14 6.66
C CYS A 233 -3.72 2.45 6.17
N SER A 234 -5.04 2.47 6.09
CA SER A 234 -5.79 3.67 5.75
C SER A 234 -6.19 4.24 7.12
N ALA A 235 -6.81 5.41 7.15
CA ALA A 235 -7.18 5.99 8.43
C ALA A 235 -8.15 7.14 8.30
N ASN A 236 -9.07 7.24 9.26
CA ASN A 236 -10.04 8.35 9.26
C ASN A 236 -10.46 8.74 10.68
N VAL A 237 -11.08 9.91 10.81
CA VAL A 237 -11.50 10.40 12.11
C VAL A 237 -12.94 10.80 12.04
N GLY A 238 -13.66 10.63 13.15
CA GLY A 238 -15.06 11.01 13.21
C GLY A 238 -15.17 12.42 13.78
N GLU A 239 -16.39 12.91 13.92
CA GLU A 239 -16.63 14.25 14.46
C GLU A 239 -16.19 14.42 15.91
N LYS A 240 -16.10 13.31 16.63
CA LYS A 240 -15.71 13.34 18.02
C LYS A 240 -14.22 13.20 18.29
N GLY A 241 -13.42 13.14 17.22
CA GLY A 241 -11.98 13.03 17.39
C GLY A 241 -11.47 11.60 17.42
N ASP A 242 -12.38 10.66 17.22
CA ASP A 242 -12.08 9.23 17.22
C ASP A 242 -11.45 8.76 15.90
N VAL A 243 -10.18 8.37 15.98
CA VAL A 243 -9.43 7.90 14.83
C VAL A 243 -9.47 6.38 14.71
N ALA A 244 -9.68 5.90 13.49
CA ALA A 244 -9.69 4.47 13.22
C ALA A 244 -8.70 4.19 12.10
N VAL A 245 -7.94 3.10 12.24
CA VAL A 245 -6.95 2.68 11.25
C VAL A 245 -7.34 1.32 10.70
N PHE A 246 -7.16 1.11 9.40
CA PHE A 246 -7.52 -0.13 8.75
C PHE A 246 -6.31 -0.76 8.07
N PHE A 247 -5.80 -1.87 8.62
CA PHE A 247 -4.67 -2.57 8.02
C PHE A 247 -5.19 -3.57 7.01
N GLY A 248 -4.30 -4.10 6.18
CA GLY A 248 -4.72 -5.08 5.21
C GLY A 248 -3.86 -5.08 3.99
N LEU A 249 -3.86 -6.20 3.27
CA LEU A 249 -3.08 -6.32 2.05
C LEU A 249 -3.84 -5.67 0.90
N SER A 250 -3.27 -5.77 -0.30
CA SER A 250 -3.86 -5.20 -1.50
C SER A 250 -5.24 -5.79 -1.81
N GLY A 251 -6.16 -4.93 -2.24
CA GLY A 251 -7.51 -5.37 -2.59
C GLY A 251 -8.41 -5.80 -1.45
N THR A 252 -7.98 -5.61 -0.21
CA THR A 252 -8.82 -6.02 0.93
C THR A 252 -9.85 -4.99 1.37
N GLY A 253 -9.75 -3.75 0.87
CA GLY A 253 -10.72 -2.74 1.24
C GLY A 253 -10.28 -1.51 2.03
N LYS A 254 -8.98 -1.32 2.20
CA LYS A 254 -8.49 -0.18 2.96
C LYS A 254 -8.97 1.14 2.37
N THR A 255 -8.94 1.25 1.04
CA THR A 255 -9.35 2.45 0.34
C THR A 255 -10.86 2.60 0.23
N THR A 256 -11.54 1.55 -0.22
CA THR A 256 -12.99 1.64 -0.35
C THR A 256 -13.73 1.87 0.97
N LEU A 257 -13.17 1.36 2.07
CA LEU A 257 -13.83 1.49 3.37
C LEU A 257 -13.45 2.70 4.20
N SER A 258 -12.27 3.26 4.03
CA SER A 258 -11.89 4.45 4.79
C SER A 258 -12.51 5.69 4.13
N THR A 259 -12.89 5.57 2.86
CA THR A 259 -13.53 6.66 2.14
C THR A 259 -15.01 6.60 2.51
N ASP A 260 -15.30 7.09 3.70
CA ASP A 260 -16.63 7.13 4.29
C ASP A 260 -17.03 8.61 4.33
N PRO A 261 -18.17 8.97 3.71
CA PRO A 261 -18.63 10.36 3.70
C PRO A 261 -18.93 10.96 5.07
N LYS A 262 -19.14 10.11 6.08
CA LYS A 262 -19.41 10.63 7.42
C LYS A 262 -18.16 10.79 8.29
N ARG A 263 -17.01 10.41 7.76
CA ARG A 263 -15.76 10.54 8.49
C ARG A 263 -14.68 11.25 7.66
N ARG A 264 -13.86 12.02 8.33
CA ARG A 264 -12.78 12.74 7.68
C ARG A 264 -11.60 11.82 7.36
N LEU A 265 -11.35 11.66 6.06
CA LEU A 265 -10.24 10.83 5.58
C LEU A 265 -8.89 11.49 5.87
N ILE A 266 -8.01 10.74 6.54
CA ILE A 266 -6.67 11.22 6.87
C ILE A 266 -5.77 10.76 5.73
N GLY A 267 -5.92 9.48 5.38
CA GLY A 267 -5.13 8.86 4.31
C GLY A 267 -5.69 7.49 3.95
N ASP A 268 -5.13 6.84 2.92
CA ASP A 268 -5.66 5.54 2.52
C ASP A 268 -4.67 4.39 2.43
N ASP A 269 -3.40 4.60 2.76
CA ASP A 269 -2.45 3.51 2.56
C ASP A 269 -1.17 3.44 3.42
N GLU A 270 -0.59 4.58 3.78
CA GLU A 270 0.64 4.60 4.55
C GLU A 270 0.54 5.62 5.67
N HIS A 271 0.69 5.18 6.91
CA HIS A 271 0.62 6.09 8.05
C HIS A 271 1.65 5.80 9.12
N GLY A 272 2.00 6.83 9.87
CA GLY A 272 2.94 6.68 10.96
C GLY A 272 2.18 6.94 12.24
N TRP A 273 2.72 6.52 13.37
CA TRP A 273 2.07 6.71 14.67
C TRP A 273 3.13 7.11 15.67
N ASP A 274 3.15 8.39 16.02
CA ASP A 274 4.13 8.89 16.96
C ASP A 274 3.48 9.31 18.28
N ASP A 275 4.19 10.11 19.05
CA ASP A 275 3.68 10.57 20.33
C ASP A 275 2.42 11.40 20.17
N ASP A 276 2.31 12.16 19.08
CA ASP A 276 1.15 13.01 18.83
C ASP A 276 -0.04 12.26 18.22
N GLY A 277 0.26 11.19 17.50
CA GLY A 277 -0.82 10.44 16.88
C GLY A 277 -0.51 9.90 15.50
N VAL A 278 -1.56 9.61 14.74
CA VAL A 278 -1.47 9.05 13.40
C VAL A 278 -1.31 10.11 12.32
N PHE A 279 -0.32 9.95 11.43
CA PHE A 279 -0.10 10.90 10.34
C PHE A 279 0.07 10.20 8.99
N ASN A 280 -0.40 10.85 7.93
CA ASN A 280 -0.31 10.31 6.58
C ASN A 280 1.09 10.60 6.03
N PHE A 281 1.58 9.72 5.15
CA PHE A 281 2.89 9.90 4.52
C PHE A 281 2.71 10.60 3.17
N GLU A 282 1.57 10.31 2.56
CA GLU A 282 1.20 10.77 1.22
C GLU A 282 0.36 12.04 1.08
N GLY A 283 0.25 12.50 -0.17
CA GLY A 283 -0.53 13.68 -0.50
C GLY A 283 -1.66 13.34 -1.46
N GLY A 284 -1.92 12.06 -1.63
CA GLY A 284 -2.97 11.65 -2.53
C GLY A 284 -3.40 10.22 -2.29
N CYS A 285 -4.34 9.76 -3.11
CA CYS A 285 -4.85 8.41 -3.01
C CYS A 285 -4.63 7.65 -4.32
N TYR A 286 -4.44 6.34 -4.19
CA TYR A 286 -4.19 5.45 -5.33
C TYR A 286 -5.23 4.34 -5.28
N ALA A 287 -6.42 4.63 -5.81
CA ALA A 287 -7.53 3.69 -5.79
C ALA A 287 -7.57 2.65 -6.92
N LYS A 288 -8.18 1.51 -6.61
CA LYS A 288 -8.34 0.42 -7.58
C LYS A 288 -9.63 0.73 -8.35
N THR A 289 -9.57 0.62 -9.68
CA THR A 289 -10.73 0.91 -10.54
C THR A 289 -11.40 -0.28 -11.24
N ILE A 290 -10.89 -1.49 -11.02
CA ILE A 290 -11.50 -2.64 -11.69
C ILE A 290 -12.95 -2.80 -11.22
N LYS A 291 -13.86 -2.91 -12.18
CA LYS A 291 -15.30 -3.03 -11.91
C LYS A 291 -15.82 -1.94 -10.96
N LEU A 292 -15.27 -0.74 -11.10
CA LEU A 292 -15.66 0.39 -10.27
C LEU A 292 -17.10 0.78 -10.61
N SER A 293 -17.91 0.94 -9.57
CA SER A 293 -19.31 1.32 -9.72
C SER A 293 -19.50 2.65 -9.03
N LYS A 294 -20.09 3.61 -9.72
CA LYS A 294 -20.33 4.94 -9.15
C LYS A 294 -21.42 4.89 -8.08
N GLU A 295 -22.19 3.80 -8.09
CA GLU A 295 -23.27 3.60 -7.13
C GLU A 295 -22.71 3.17 -5.78
N ALA A 296 -21.78 2.21 -5.82
CA ALA A 296 -21.15 1.66 -4.61
C ALA A 296 -20.03 2.51 -4.03
N GLU A 297 -19.29 3.18 -4.90
CA GLU A 297 -18.17 4.01 -4.48
C GLU A 297 -18.22 5.35 -5.22
N PRO A 298 -19.16 6.24 -4.83
CA PRO A 298 -19.38 7.56 -5.42
C PRO A 298 -18.25 8.60 -5.23
N GLU A 299 -17.68 8.68 -4.03
CA GLU A 299 -16.61 9.64 -3.75
C GLU A 299 -15.37 9.32 -4.57
N ILE A 300 -15.08 8.03 -4.76
CA ILE A 300 -13.91 7.61 -5.53
C ILE A 300 -14.17 7.81 -7.01
N TYR A 301 -15.40 7.54 -7.44
CA TYR A 301 -15.74 7.74 -8.84
C TYR A 301 -15.65 9.23 -9.17
N ASN A 302 -16.14 10.08 -8.26
CA ASN A 302 -16.12 11.52 -8.48
C ASN A 302 -14.74 12.17 -8.39
N ALA A 303 -13.79 11.45 -7.80
CA ALA A 303 -12.43 11.96 -7.71
C ALA A 303 -11.72 11.80 -9.06
N ILE A 304 -12.33 11.03 -9.97
CA ILE A 304 -11.78 10.82 -11.31
C ILE A 304 -12.24 11.96 -12.23
N ARG A 305 -11.41 12.98 -12.31
CA ARG A 305 -11.68 14.15 -13.13
C ARG A 305 -10.32 14.72 -13.48
N ARG A 306 -10.27 15.90 -14.10
CA ARG A 306 -8.97 16.48 -14.47
C ARG A 306 -8.02 16.50 -13.28
N ASP A 307 -6.76 16.12 -13.56
CA ASP A 307 -5.65 16.04 -12.59
C ASP A 307 -5.51 14.65 -11.95
N ALA A 308 -6.51 13.80 -12.14
CA ALA A 308 -6.45 12.42 -11.64
C ALA A 308 -5.72 11.68 -12.76
N LEU A 309 -4.98 10.64 -12.41
CA LEU A 309 -4.23 9.89 -13.41
C LEU A 309 -4.64 8.42 -13.49
N LEU A 310 -5.43 8.10 -14.50
CA LEU A 310 -5.87 6.72 -14.74
C LEU A 310 -4.76 5.90 -15.35
N GLU A 311 -4.66 4.64 -14.95
CA GLU A 311 -3.63 3.76 -15.51
C GLU A 311 -4.14 2.39 -15.90
N ASN A 312 -3.80 2.00 -17.12
CA ASN A 312 -4.15 0.69 -17.69
C ASN A 312 -5.61 0.37 -17.90
N VAL A 313 -6.48 1.35 -17.65
CA VAL A 313 -7.91 1.16 -17.85
C VAL A 313 -8.19 1.15 -19.34
N THR A 314 -9.34 0.61 -19.72
CA THR A 314 -9.69 0.55 -21.12
C THR A 314 -10.53 1.76 -21.53
N VAL A 315 -9.98 2.56 -22.44
CA VAL A 315 -10.65 3.75 -22.94
C VAL A 315 -11.17 3.47 -24.36
N ARG A 316 -12.48 3.43 -24.52
CA ARG A 316 -13.07 3.19 -25.83
C ARG A 316 -12.81 4.34 -26.78
N GLU A 317 -13.14 4.13 -28.06
CA GLU A 317 -12.95 5.12 -29.10
C GLU A 317 -13.56 6.49 -28.79
N ASP A 318 -14.76 6.49 -28.24
CA ASP A 318 -15.44 7.73 -27.92
C ASP A 318 -14.96 8.41 -26.64
N GLY A 319 -13.94 7.84 -26.01
CA GLY A 319 -13.41 8.43 -24.79
C GLY A 319 -13.94 7.84 -23.50
N THR A 320 -15.06 7.11 -23.56
CA THR A 320 -15.62 6.51 -22.36
C THR A 320 -14.72 5.39 -21.84
N ILE A 321 -14.73 5.21 -20.53
CA ILE A 321 -13.92 4.20 -19.88
C ILE A 321 -14.73 2.95 -19.57
N ASP A 322 -14.11 1.80 -19.81
CA ASP A 322 -14.71 0.51 -19.57
C ASP A 322 -14.04 -0.04 -18.31
N PHE A 323 -14.51 0.42 -17.15
CA PHE A 323 -13.95 0.03 -15.86
C PHE A 323 -14.00 -1.46 -15.55
N ASP A 324 -14.83 -2.20 -16.27
CA ASP A 324 -14.97 -3.63 -16.07
C ASP A 324 -13.89 -4.42 -16.79
N ASP A 325 -13.24 -3.82 -17.78
CA ASP A 325 -12.22 -4.52 -18.56
C ASP A 325 -10.91 -4.76 -17.81
N GLY A 326 -10.59 -6.03 -17.63
CA GLY A 326 -9.36 -6.41 -16.95
C GLY A 326 -8.47 -7.22 -17.87
N SER A 327 -8.70 -7.10 -19.17
CA SER A 327 -7.93 -7.83 -20.18
C SER A 327 -6.43 -7.53 -20.11
N LYS A 328 -6.07 -6.32 -19.71
CA LYS A 328 -4.66 -5.96 -19.56
C LYS A 328 -4.22 -6.28 -18.13
N THR A 329 -5.03 -5.88 -17.17
CA THR A 329 -4.74 -6.12 -15.77
C THR A 329 -5.96 -5.86 -14.90
N GLU A 330 -6.05 -6.59 -13.79
CA GLU A 330 -7.14 -6.42 -12.83
C GLU A 330 -6.72 -5.29 -11.89
N ASN A 331 -5.44 -4.94 -11.97
CA ASN A 331 -4.86 -3.89 -11.18
C ASN A 331 -4.90 -2.51 -11.83
N THR A 332 -6.05 -2.16 -12.39
CA THR A 332 -6.22 -0.84 -13.00
C THR A 332 -6.29 0.15 -11.82
N ARG A 333 -5.66 1.30 -11.97
CA ARG A 333 -5.64 2.26 -10.88
C ARG A 333 -5.90 3.68 -11.33
N VAL A 334 -5.95 4.58 -10.35
CA VAL A 334 -6.15 5.99 -10.57
C VAL A 334 -5.56 6.69 -9.38
N SER A 335 -4.69 7.66 -9.61
CA SER A 335 -4.11 8.39 -8.49
C SER A 335 -4.71 9.79 -8.59
N TYR A 336 -4.83 10.46 -7.46
CA TYR A 336 -5.40 11.79 -7.47
C TYR A 336 -5.03 12.50 -6.19
N PRO A 337 -4.95 13.84 -6.26
CA PRO A 337 -4.61 14.65 -5.08
C PRO A 337 -5.67 14.32 -4.02
N ILE A 338 -5.26 14.18 -2.76
CA ILE A 338 -6.21 13.84 -1.70
C ILE A 338 -7.42 14.79 -1.60
N TYR A 339 -7.27 16.02 -2.07
CA TYR A 339 -8.33 16.99 -2.03
C TYR A 339 -9.49 16.72 -3.00
N HIS A 340 -9.33 15.71 -3.85
CA HIS A 340 -10.41 15.34 -4.77
C HIS A 340 -11.50 14.63 -3.96
N ILE A 341 -11.18 14.29 -2.72
CA ILE A 341 -12.14 13.70 -1.80
C ILE A 341 -12.56 14.90 -0.94
N ASP A 342 -13.86 15.16 -0.87
CA ASP A 342 -14.37 16.29 -0.10
C ASP A 342 -14.11 16.27 1.40
N ASN A 343 -14.53 15.20 2.06
CA ASN A 343 -14.39 15.05 3.51
C ASN A 343 -13.05 14.47 3.94
N ILE A 344 -12.06 15.34 4.11
CA ILE A 344 -10.72 14.95 4.51
C ILE A 344 -10.19 15.92 5.55
N VAL A 345 -9.16 15.50 6.27
CA VAL A 345 -8.52 16.37 7.23
C VAL A 345 -7.53 17.29 6.49
N LYS A 346 -7.64 18.57 6.76
CA LYS A 346 -6.76 19.58 6.16
C LYS A 346 -6.59 20.74 7.13
N PRO A 347 -5.51 21.52 6.98
CA PRO A 347 -4.46 21.42 5.96
C PRO A 347 -3.47 20.23 6.05
N VAL A 348 -3.14 19.80 7.26
CA VAL A 348 -2.21 18.69 7.44
C VAL A 348 -2.96 17.38 7.66
N SER A 349 -2.55 16.35 6.92
CA SER A 349 -3.17 15.03 7.01
C SER A 349 -2.68 14.29 8.24
N LYS A 350 -3.24 14.65 9.39
CA LYS A 350 -2.88 14.03 10.65
C LYS A 350 -4.01 14.23 11.65
N ALA A 351 -4.01 13.37 12.67
CA ALA A 351 -5.02 13.42 13.73
C ALA A 351 -4.44 12.82 15.02
N GLY A 352 -5.31 12.59 15.99
CA GLY A 352 -4.88 12.03 17.26
C GLY A 352 -4.61 10.55 17.20
N HIS A 353 -4.44 9.94 18.37
CA HIS A 353 -4.17 8.51 18.49
C HIS A 353 -5.38 7.66 18.10
N ALA A 354 -5.10 6.51 17.51
CA ALA A 354 -6.15 5.58 17.08
C ALA A 354 -6.62 4.74 18.25
N THR A 355 -7.93 4.57 18.34
CA THR A 355 -8.54 3.77 19.39
C THR A 355 -9.21 2.53 18.82
N LYS A 356 -9.30 2.46 17.49
CA LYS A 356 -9.90 1.33 16.81
C LYS A 356 -8.90 0.90 15.75
N VAL A 357 -8.46 -0.35 15.84
CA VAL A 357 -7.52 -0.91 14.88
C VAL A 357 -8.27 -2.04 14.22
N ILE A 358 -8.45 -1.94 12.92
CA ILE A 358 -9.17 -2.95 12.18
C ILE A 358 -8.27 -3.63 11.18
N PHE A 359 -8.22 -4.96 11.26
CA PHE A 359 -7.42 -5.78 10.36
C PHE A 359 -8.38 -6.29 9.30
N LEU A 360 -8.14 -5.94 8.06
CA LEU A 360 -9.00 -6.39 6.99
C LEU A 360 -8.36 -7.61 6.34
N THR A 361 -9.19 -8.60 6.03
CA THR A 361 -8.71 -9.82 5.40
C THR A 361 -9.76 -10.28 4.40
N ALA A 362 -9.33 -10.62 3.20
CA ALA A 362 -10.25 -11.14 2.18
C ALA A 362 -10.07 -12.65 2.22
N ASP A 363 -10.85 -13.33 3.04
CA ASP A 363 -10.73 -14.77 3.16
C ASP A 363 -11.42 -15.55 2.05
N ALA A 364 -10.61 -16.08 1.12
CA ALA A 364 -11.09 -16.86 -0.01
C ALA A 364 -11.59 -18.24 0.41
N PHE A 365 -11.20 -18.68 1.61
CA PHE A 365 -11.65 -19.96 2.13
C PHE A 365 -13.08 -19.91 2.64
N GLY A 366 -13.59 -18.70 2.92
CA GLY A 366 -14.95 -18.54 3.41
C GLY A 366 -15.15 -19.12 4.80
N VAL A 367 -14.09 -19.07 5.60
CA VAL A 367 -14.06 -19.60 6.95
C VAL A 367 -14.23 -18.52 8.03
N LEU A 368 -13.49 -17.42 7.91
CA LEU A 368 -13.54 -16.34 8.90
C LEU A 368 -14.86 -15.59 8.92
N PRO A 369 -15.31 -15.17 10.11
CA PRO A 369 -16.57 -14.43 10.24
C PRO A 369 -16.38 -12.98 9.76
N PRO A 370 -17.49 -12.30 9.44
CA PRO A 370 -17.44 -10.91 8.97
C PRO A 370 -16.71 -10.00 9.94
N VAL A 371 -16.92 -10.21 11.25
CA VAL A 371 -16.26 -9.41 12.26
C VAL A 371 -16.06 -10.17 13.57
N SER A 372 -14.94 -9.88 14.23
CA SER A 372 -14.58 -10.49 15.50
C SER A 372 -13.79 -9.49 16.31
N ARG A 373 -14.06 -9.42 17.62
CA ARG A 373 -13.30 -8.54 18.49
C ARG A 373 -12.12 -9.41 18.91
N LEU A 374 -10.92 -8.86 18.77
CA LEU A 374 -9.68 -9.57 19.09
C LEU A 374 -9.17 -9.32 20.50
N THR A 375 -8.49 -10.31 21.08
CA THR A 375 -7.88 -10.17 22.39
C THR A 375 -6.48 -9.65 22.09
N ALA A 376 -5.81 -9.10 23.09
CA ALA A 376 -4.48 -8.54 22.91
C ALA A 376 -3.47 -9.49 22.27
N ASP A 377 -3.58 -10.78 22.60
CA ASP A 377 -2.69 -11.81 22.06
C ASP A 377 -3.04 -12.15 20.63
N GLN A 378 -4.34 -12.14 20.34
CA GLN A 378 -4.84 -12.46 19.01
C GLN A 378 -4.52 -11.33 18.05
N THR A 379 -4.43 -10.11 18.60
CA THR A 379 -4.12 -8.91 17.84
C THR A 379 -2.70 -9.06 17.32
N GLN A 380 -1.80 -9.41 18.24
CA GLN A 380 -0.40 -9.62 17.92
C GLN A 380 -0.19 -10.86 17.04
N TYR A 381 -0.95 -11.92 17.30
CA TYR A 381 -0.83 -13.15 16.53
C TYR A 381 -1.27 -12.93 15.08
N HIS A 382 -2.38 -12.23 14.89
CA HIS A 382 -2.92 -11.95 13.55
C HIS A 382 -2.15 -10.87 12.78
N PHE A 383 -1.52 -9.95 13.51
CA PHE A 383 -0.75 -8.90 12.87
C PHE A 383 0.45 -9.56 12.21
N LEU A 384 1.18 -10.37 12.99
CA LEU A 384 2.35 -11.07 12.47
C LEU A 384 2.03 -12.12 11.41
N SER A 385 0.82 -12.68 11.44
CA SER A 385 0.41 -13.68 10.47
C SER A 385 0.03 -13.02 9.15
N GLY A 386 -0.67 -11.88 9.24
CA GLY A 386 -1.08 -11.14 8.05
C GLY A 386 -1.70 -11.97 6.94
N PHE A 387 -2.77 -12.67 7.27
CA PHE A 387 -3.45 -13.53 6.31
C PHE A 387 -4.40 -12.87 5.32
N THR A 388 -4.44 -13.44 4.13
CA THR A 388 -5.34 -13.05 3.06
C THR A 388 -5.35 -14.20 2.07
N ALA A 389 -6.42 -14.33 1.30
CA ALA A 389 -6.51 -15.40 0.33
C ALA A 389 -7.16 -14.96 -0.99
N LYS A 390 -6.39 -15.05 -2.06
CA LYS A 390 -6.85 -14.70 -3.40
C LYS A 390 -7.63 -15.89 -3.97
N LEU A 391 -8.75 -15.61 -4.62
CA LEU A 391 -9.54 -16.68 -5.23
C LEU A 391 -8.96 -16.83 -6.63
N ALA A 392 -7.68 -17.21 -6.68
CA ALA A 392 -6.94 -17.36 -7.92
C ALA A 392 -7.30 -18.57 -8.77
N GLY A 393 -6.31 -19.06 -9.51
CA GLY A 393 -6.54 -20.19 -10.41
C GLY A 393 -7.18 -19.63 -11.67
N THR A 394 -7.09 -18.31 -11.82
CA THR A 394 -7.64 -17.61 -12.97
C THR A 394 -9.14 -17.80 -13.14
N GLU A 395 -9.73 -18.50 -12.17
CA GLU A 395 -11.15 -18.83 -12.16
C GLU A 395 -11.72 -19.17 -13.53
N ARG A 396 -11.10 -20.22 -14.08
CA ARG A 396 -11.44 -20.80 -15.36
C ARG A 396 -11.28 -22.32 -15.14
N GLY A 397 -11.03 -22.70 -13.89
CA GLY A 397 -10.85 -24.10 -13.53
C GLY A 397 -12.02 -24.67 -12.75
N ILE A 398 -12.39 -24.03 -11.66
CA ILE A 398 -13.50 -24.52 -10.86
C ILE A 398 -13.47 -24.02 -9.43
N THR A 399 -12.27 -23.77 -8.92
CA THR A 399 -12.07 -23.28 -7.56
C THR A 399 -10.58 -23.27 -7.22
N GLU A 400 -10.14 -22.23 -6.51
CA GLU A 400 -8.74 -22.12 -6.13
C GLU A 400 -8.47 -20.99 -5.14
N PRO A 401 -8.94 -21.15 -3.88
CA PRO A 401 -8.75 -20.13 -2.84
C PRO A 401 -7.33 -20.19 -2.29
N THR A 402 -6.37 -19.65 -3.03
CA THR A 402 -4.97 -19.65 -2.62
C THR A 402 -4.69 -18.54 -1.59
N PRO A 403 -4.13 -18.92 -0.42
CA PRO A 403 -3.80 -18.00 0.68
C PRO A 403 -2.49 -17.24 0.53
N THR A 404 -2.31 -16.27 1.43
CA THR A 404 -1.12 -15.43 1.48
C THR A 404 -0.92 -15.00 2.92
N PHE A 405 0.28 -15.24 3.46
CA PHE A 405 0.60 -14.84 4.81
C PHE A 405 1.70 -13.79 4.68
N SER A 406 1.30 -12.53 4.83
CA SER A 406 2.21 -11.41 4.73
C SER A 406 2.28 -10.68 6.07
N ALA A 407 3.40 -10.88 6.76
CA ALA A 407 3.65 -10.29 8.08
C ALA A 407 3.38 -8.79 8.17
N CYS A 408 2.52 -8.40 9.10
CA CYS A 408 2.16 -7.00 9.32
C CYS A 408 1.27 -6.43 8.22
N PHE A 409 0.66 -7.33 7.46
CA PHE A 409 -0.21 -6.97 6.34
C PHE A 409 0.49 -6.12 5.27
N GLY A 410 1.79 -6.36 5.08
CA GLY A 410 2.56 -5.61 4.11
C GLY A 410 4.01 -5.98 4.19
N ALA A 411 4.29 -7.28 4.06
CA ALA A 411 5.64 -7.82 4.15
C ALA A 411 6.53 -7.34 3.00
N ALA A 412 5.89 -7.08 1.87
CA ALA A 412 6.60 -6.62 0.68
C ALA A 412 7.35 -5.28 0.86
N PHE A 413 6.95 -4.52 1.88
CA PHE A 413 7.54 -3.21 2.16
C PHE A 413 8.28 -3.11 3.50
N LEU A 414 8.40 -4.23 4.21
CA LEU A 414 9.09 -4.24 5.50
C LEU A 414 10.60 -4.24 5.33
N SER A 415 11.28 -3.29 5.97
CA SER A 415 12.73 -3.18 5.89
C SER A 415 13.43 -3.78 7.12
N LEU A 416 12.67 -3.93 8.20
CA LEU A 416 13.17 -4.48 9.44
C LEU A 416 12.36 -5.75 9.73
N HIS A 417 12.77 -6.53 10.73
CA HIS A 417 12.08 -7.77 11.09
C HIS A 417 10.63 -7.47 11.50
N PRO A 418 9.67 -8.32 11.09
CA PRO A 418 8.26 -8.13 11.43
C PRO A 418 7.95 -7.81 12.88
N THR A 419 8.62 -8.47 13.82
CA THR A 419 8.39 -8.24 15.24
C THR A 419 8.69 -6.80 15.68
N GLN A 420 9.62 -6.14 14.99
CA GLN A 420 9.96 -4.76 15.33
C GLN A 420 8.77 -3.84 15.03
N TYR A 421 7.95 -4.25 14.07
CA TYR A 421 6.76 -3.50 13.70
C TYR A 421 5.67 -3.79 14.70
N ALA A 422 5.53 -5.05 15.07
CA ALA A 422 4.51 -5.47 16.02
C ALA A 422 4.75 -4.78 17.37
N GLU A 423 6.01 -4.66 17.75
CA GLU A 423 6.37 -4.06 19.03
C GLU A 423 5.98 -2.59 19.17
N VAL A 424 6.43 -1.75 18.24
CA VAL A 424 6.11 -0.33 18.30
C VAL A 424 4.60 -0.11 18.16
N LEU A 425 3.94 -0.99 17.42
CA LEU A 425 2.50 -0.89 17.21
C LEU A 425 1.75 -1.24 18.50
N VAL A 426 2.20 -2.27 19.20
CA VAL A 426 1.58 -2.70 20.44
C VAL A 426 1.67 -1.65 21.52
N LYS A 427 2.84 -1.01 21.65
CA LYS A 427 3.00 0.02 22.67
C LYS A 427 2.14 1.25 22.38
N ARG A 428 1.87 1.51 21.11
CA ARG A 428 1.03 2.64 20.70
C ARG A 428 -0.43 2.32 20.99
N MET A 429 -0.82 1.08 20.71
CA MET A 429 -2.18 0.65 20.96
C MET A 429 -2.48 0.68 22.45
N GLN A 430 -1.48 0.31 23.24
CA GLN A 430 -1.61 0.27 24.68
C GLN A 430 -1.72 1.64 25.34
N ALA A 431 -0.87 2.57 24.93
CA ALA A 431 -0.91 3.91 25.48
C ALA A 431 -2.22 4.63 25.13
N ALA A 432 -2.83 4.24 24.01
CA ALA A 432 -4.08 4.84 23.55
C ALA A 432 -5.32 4.09 24.03
N GLY A 433 -5.12 2.86 24.52
CA GLY A 433 -6.24 2.05 24.95
C GLY A 433 -7.04 1.65 23.71
N ALA A 434 -6.33 1.37 22.63
CA ALA A 434 -6.94 0.99 21.37
C ALA A 434 -7.44 -0.44 21.40
N GLN A 435 -8.50 -0.68 20.65
CA GLN A 435 -9.10 -2.02 20.56
C GLN A 435 -8.91 -2.52 19.13
N ALA A 436 -8.73 -3.83 18.96
CA ALA A 436 -8.54 -4.42 17.64
C ALA A 436 -9.70 -5.31 17.23
N TYR A 437 -9.96 -5.37 15.92
CA TYR A 437 -11.04 -6.18 15.37
C TYR A 437 -10.55 -6.83 14.10
N LEU A 438 -11.10 -8.00 13.79
CA LEU A 438 -10.74 -8.74 12.59
C LEU A 438 -11.98 -8.72 11.71
N VAL A 439 -11.81 -8.27 10.47
CA VAL A 439 -12.90 -8.15 9.51
C VAL A 439 -12.62 -8.92 8.23
N ASN A 440 -13.58 -9.76 7.82
CA ASN A 440 -13.46 -10.54 6.58
C ASN A 440 -14.25 -9.84 5.46
N THR A 441 -13.55 -9.09 4.62
CA THR A 441 -14.22 -8.42 3.49
C THR A 441 -14.26 -9.39 2.33
N GLY A 442 -13.82 -10.62 2.59
CA GLY A 442 -13.77 -11.67 1.60
C GLY A 442 -15.03 -12.50 1.39
N TRP A 443 -14.86 -13.82 1.39
CA TRP A 443 -15.96 -14.75 1.12
C TRP A 443 -16.51 -15.56 2.29
N ASN A 444 -17.68 -16.15 2.07
CA ASN A 444 -18.35 -17.03 3.01
C ASN A 444 -18.79 -18.28 2.23
N GLY A 445 -19.74 -19.04 2.77
CA GLY A 445 -20.19 -20.24 2.09
C GLY A 445 -20.97 -20.08 0.80
N THR A 446 -21.41 -18.85 0.49
CA THR A 446 -22.18 -18.61 -0.72
C THR A 446 -21.31 -18.54 -2.00
N GLY A 447 -20.00 -18.47 -1.83
CA GLY A 447 -19.10 -18.41 -2.97
C GLY A 447 -19.03 -17.02 -3.58
N LYS A 448 -19.74 -16.09 -2.95
CA LYS A 448 -19.79 -14.70 -3.39
C LYS A 448 -19.18 -13.84 -2.30
N ARG A 449 -18.51 -12.78 -2.72
CA ARG A 449 -17.89 -11.88 -1.79
C ARG A 449 -18.98 -11.08 -1.08
N ILE A 450 -18.78 -10.85 0.21
CA ILE A 450 -19.71 -10.06 1.01
C ILE A 450 -19.82 -8.66 0.36
N SER A 451 -21.04 -8.16 0.21
CA SER A 451 -21.23 -6.85 -0.42
C SER A 451 -20.61 -5.69 0.33
N ILE A 452 -20.18 -4.67 -0.42
CA ILE A 452 -19.57 -3.48 0.17
C ILE A 452 -20.57 -2.83 1.13
N LYS A 453 -21.86 -2.98 0.82
CA LYS A 453 -22.93 -2.43 1.65
C LYS A 453 -22.94 -3.05 3.05
N ASP A 454 -22.86 -4.37 3.12
CA ASP A 454 -22.84 -5.07 4.41
C ASP A 454 -21.55 -4.83 5.17
N THR A 455 -20.44 -4.67 4.45
CA THR A 455 -19.18 -4.43 5.11
C THR A 455 -19.16 -3.05 5.75
N ARG A 456 -19.67 -2.05 5.05
CA ARG A 456 -19.73 -0.68 5.56
C ARG A 456 -20.61 -0.63 6.83
N ALA A 457 -21.62 -1.50 6.89
CA ALA A 457 -22.53 -1.55 8.04
C ALA A 457 -21.82 -2.10 9.25
N ILE A 458 -20.91 -3.05 9.01
CA ILE A 458 -20.12 -3.66 10.08
C ILE A 458 -19.06 -2.68 10.58
N ILE A 459 -18.48 -1.89 9.67
CA ILE A 459 -17.48 -0.90 10.04
C ILE A 459 -18.16 0.15 10.94
N ASP A 460 -19.40 0.50 10.61
CA ASP A 460 -20.15 1.48 11.40
C ASP A 460 -20.41 0.94 12.80
N ALA A 461 -20.80 -0.35 12.88
CA ALA A 461 -21.07 -1.02 14.16
C ALA A 461 -19.84 -1.06 15.07
N ILE A 462 -18.66 -1.09 14.45
CA ILE A 462 -17.40 -1.10 15.18
C ILE A 462 -17.08 0.32 15.68
N LEU A 463 -17.15 1.29 14.77
CA LEU A 463 -16.85 2.69 15.05
C LEU A 463 -17.75 3.39 16.06
N ASN A 464 -19.01 2.98 16.15
CA ASN A 464 -19.94 3.59 17.10
C ASN A 464 -20.13 2.76 18.38
N GLY A 465 -19.36 1.68 18.51
CA GLY A 465 -19.45 0.84 19.68
C GLY A 465 -20.57 -0.18 19.75
N SER A 466 -21.34 -0.34 18.67
CA SER A 466 -22.44 -1.31 18.66
C SER A 466 -21.87 -2.70 18.89
N LEU A 467 -20.69 -2.93 18.34
CA LEU A 467 -20.00 -4.21 18.43
C LEU A 467 -19.47 -4.46 19.82
N ASP A 468 -18.92 -3.42 20.43
CA ASP A 468 -18.35 -3.51 21.77
C ASP A 468 -19.37 -3.82 22.85
N ASN A 469 -20.62 -3.42 22.64
CA ASN A 469 -21.66 -3.65 23.61
C ASN A 469 -22.48 -4.89 23.32
N ALA A 470 -22.30 -5.47 22.14
CA ALA A 470 -23.04 -6.67 21.75
C ALA A 470 -22.61 -7.90 22.54
N GLU A 471 -23.54 -8.85 22.67
CA GLU A 471 -23.28 -10.10 23.38
C GLU A 471 -22.55 -10.97 22.36
N THR A 472 -21.46 -11.61 22.74
CA THR A 472 -20.71 -12.42 21.81
C THR A 472 -20.49 -13.86 22.27
N PHE A 473 -20.31 -14.76 21.30
CA PHE A 473 -20.02 -16.17 21.57
C PHE A 473 -18.69 -16.53 20.87
N THR A 474 -18.02 -17.58 21.34
CA THR A 474 -16.74 -17.97 20.76
C THR A 474 -16.81 -18.95 19.59
N LEU A 475 -16.19 -18.58 18.48
CA LEU A 475 -16.14 -19.42 17.30
C LEU A 475 -15.07 -20.49 17.54
N PRO A 476 -15.43 -21.78 17.41
CA PRO A 476 -14.47 -22.89 17.62
C PRO A 476 -13.23 -22.86 16.72
N MET A 477 -12.14 -23.46 17.19
CA MET A 477 -10.84 -23.53 16.52
C MET A 477 -10.10 -22.19 16.47
N PHE A 478 -10.72 -21.17 15.86
CA PHE A 478 -10.11 -19.85 15.78
C PHE A 478 -10.31 -19.06 17.05
N ASN A 479 -11.26 -19.52 17.87
CA ASN A 479 -11.59 -18.91 19.16
C ASN A 479 -11.83 -17.42 19.08
N LEU A 480 -12.60 -17.02 18.07
CA LEU A 480 -12.93 -15.61 17.83
C LEU A 480 -14.28 -15.24 18.43
N ALA A 481 -14.28 -14.14 19.17
CA ALA A 481 -15.49 -13.63 19.82
C ALA A 481 -16.37 -12.89 18.80
N ILE A 482 -17.36 -13.58 18.25
CA ILE A 482 -18.26 -13.00 17.27
C ILE A 482 -19.57 -12.50 17.88
N PRO A 483 -20.09 -11.36 17.39
CA PRO A 483 -21.35 -10.83 17.91
C PRO A 483 -22.56 -11.70 17.61
N THR A 484 -23.48 -11.75 18.55
CA THR A 484 -24.69 -12.53 18.39
C THR A 484 -25.58 -11.82 17.36
N GLU A 485 -25.45 -10.50 17.30
CA GLU A 485 -26.20 -9.68 16.36
C GLU A 485 -25.69 -8.25 16.34
N LEU A 486 -25.96 -7.56 15.22
CA LEU A 486 -25.54 -6.18 15.02
C LEU A 486 -26.57 -5.38 14.26
N PRO A 487 -26.81 -4.13 14.66
CA PRO A 487 -27.78 -3.26 14.00
C PRO A 487 -27.36 -2.89 12.58
N GLY A 488 -28.23 -3.19 11.62
CA GLY A 488 -27.95 -2.88 10.22
C GLY A 488 -27.42 -4.03 9.38
N VAL A 489 -26.92 -5.08 10.03
CA VAL A 489 -26.38 -6.22 9.31
C VAL A 489 -27.20 -7.50 9.46
N ASP A 490 -27.20 -8.30 8.40
CA ASP A 490 -27.92 -9.56 8.37
C ASP A 490 -27.33 -10.53 9.40
N THR A 491 -28.16 -10.97 10.33
CA THR A 491 -27.76 -11.87 11.39
C THR A 491 -27.21 -13.22 10.89
N LYS A 492 -27.76 -13.70 9.77
CA LYS A 492 -27.31 -14.96 9.23
C LYS A 492 -25.84 -15.07 8.90
N ILE A 493 -25.23 -13.96 8.47
CA ILE A 493 -23.83 -13.95 8.07
C ILE A 493 -22.79 -13.82 9.18
N LEU A 494 -23.20 -13.35 10.35
CA LEU A 494 -22.29 -13.17 11.48
C LEU A 494 -21.60 -14.46 11.95
N ASP A 495 -22.25 -15.59 11.70
CA ASP A 495 -21.69 -16.88 12.03
C ASP A 495 -21.43 -17.48 10.66
N PRO A 496 -20.16 -17.66 10.29
CA PRO A 496 -19.79 -18.23 8.99
C PRO A 496 -20.37 -19.61 8.68
N ARG A 497 -20.64 -20.41 9.72
CA ARG A 497 -21.20 -21.75 9.53
C ARG A 497 -22.61 -21.72 8.95
N ASN A 498 -23.34 -20.63 9.16
CA ASN A 498 -24.71 -20.47 8.66
C ASN A 498 -24.82 -20.35 7.15
N THR A 499 -23.75 -19.87 6.52
CA THR A 499 -23.75 -19.67 5.08
C THR A 499 -23.47 -20.96 4.32
N TYR A 500 -23.25 -22.04 5.06
CA TYR A 500 -23.00 -23.36 4.47
C TYR A 500 -24.22 -24.26 4.65
N ALA A 501 -24.43 -25.19 3.72
CA ALA A 501 -25.57 -26.10 3.82
C ALA A 501 -25.51 -26.83 5.16
N SER A 502 -24.30 -27.17 5.58
CA SER A 502 -24.09 -27.85 6.85
C SER A 502 -22.84 -27.28 7.51
N PRO A 503 -22.86 -27.15 8.85
CA PRO A 503 -21.69 -26.63 9.57
C PRO A 503 -20.51 -27.58 9.41
N GLU A 504 -20.77 -28.76 8.84
CA GLU A 504 -19.72 -29.76 8.61
C GLU A 504 -18.87 -29.37 7.40
N GLN A 505 -19.46 -28.61 6.48
CA GLN A 505 -18.73 -28.13 5.32
C GLN A 505 -17.73 -27.09 5.82
N TRP A 506 -18.21 -26.20 6.69
CA TRP A 506 -17.37 -25.15 7.25
C TRP A 506 -16.20 -25.74 8.02
N GLN A 507 -16.51 -26.76 8.82
CA GLN A 507 -15.55 -27.48 9.65
C GLN A 507 -14.33 -27.98 8.87
N GLU A 508 -14.59 -28.64 7.76
CA GLU A 508 -13.56 -29.20 6.89
C GLU A 508 -12.53 -28.15 6.48
N LYS A 509 -13.02 -27.02 5.97
CA LYS A 509 -12.18 -25.92 5.51
C LYS A 509 -11.54 -25.16 6.65
N ALA A 510 -12.26 -25.07 7.77
CA ALA A 510 -11.75 -24.38 8.95
C ALA A 510 -10.49 -25.07 9.44
N GLU A 511 -10.48 -26.40 9.37
CA GLU A 511 -9.32 -27.19 9.78
C GLU A 511 -8.14 -27.00 8.82
N THR A 512 -8.45 -26.89 7.54
CA THR A 512 -7.42 -26.67 6.52
C THR A 512 -6.76 -25.31 6.74
N LEU A 513 -7.57 -24.29 7.02
CA LEU A 513 -7.06 -22.94 7.23
C LEU A 513 -6.30 -22.85 8.55
N ALA A 514 -6.78 -23.58 9.56
CA ALA A 514 -6.13 -23.60 10.86
C ALA A 514 -4.72 -24.20 10.77
N LYS A 515 -4.57 -25.28 10.01
CA LYS A 515 -3.26 -25.93 9.81
C LYS A 515 -2.29 -24.99 9.09
N LEU A 516 -2.81 -24.24 8.11
CA LEU A 516 -2.00 -23.29 7.36
C LEU A 516 -1.49 -22.18 8.28
N PHE A 517 -2.35 -21.72 9.18
CA PHE A 517 -1.98 -20.69 10.15
C PHE A 517 -0.91 -21.22 11.11
N ILE A 518 -1.13 -22.41 11.65
CA ILE A 518 -0.20 -23.02 12.59
C ILE A 518 1.15 -23.28 11.94
N ASP A 519 1.10 -23.76 10.71
CA ASP A 519 2.31 -24.04 9.95
C ASP A 519 3.08 -22.76 9.68
N ASN A 520 2.35 -21.71 9.30
CA ASN A 520 2.98 -20.43 9.00
C ASN A 520 3.61 -19.75 10.19
N PHE A 521 2.91 -19.73 11.32
CA PHE A 521 3.42 -19.05 12.51
C PHE A 521 4.67 -19.67 13.13
N ASP A 522 4.99 -20.91 12.74
CA ASP A 522 6.16 -21.57 13.29
C ASP A 522 7.50 -20.83 13.11
N LYS A 523 7.51 -19.82 12.25
CA LYS A 523 8.74 -19.05 12.04
C LYS A 523 8.87 -17.84 12.95
N TYR A 524 8.11 -17.84 14.05
CA TYR A 524 8.16 -16.77 15.03
C TYR A 524 8.34 -17.40 16.40
N THR A 525 8.40 -18.72 16.42
CA THR A 525 8.56 -19.46 17.66
C THR A 525 10.03 -19.65 18.06
N ASP A 526 10.86 -18.67 17.69
CA ASP A 526 12.28 -18.69 18.02
C ASP A 526 12.42 -18.06 19.40
N THR A 527 11.65 -17.00 19.62
CA THR A 527 11.65 -16.25 20.88
C THR A 527 10.51 -16.67 21.80
N PRO A 528 10.65 -16.45 23.12
CA PRO A 528 9.61 -16.81 24.10
C PRO A 528 8.31 -16.09 23.78
N ALA A 529 8.43 -14.92 23.15
CA ALA A 529 7.28 -14.10 22.77
C ALA A 529 6.41 -14.80 21.73
N GLY A 530 7.00 -15.15 20.59
CA GLY A 530 6.26 -15.82 19.54
C GLY A 530 5.73 -17.17 19.99
N ALA A 531 6.48 -17.84 20.86
CA ALA A 531 6.10 -19.14 21.40
C ALA A 531 4.92 -19.00 22.35
N ALA A 532 4.84 -17.85 23.00
CA ALA A 532 3.75 -17.57 23.92
C ALA A 532 2.47 -17.24 23.16
N LEU A 533 2.61 -16.58 22.02
CA LEU A 533 1.49 -16.18 21.17
C LEU A 533 0.80 -17.34 20.50
N VAL A 534 1.44 -18.52 20.50
CA VAL A 534 0.87 -19.71 19.88
C VAL A 534 -0.49 -20.07 20.49
N ALA A 535 -0.67 -19.73 21.77
CA ALA A 535 -1.92 -20.01 22.46
C ALA A 535 -3.03 -19.07 21.97
N ALA A 536 -2.63 -18.00 21.30
CA ALA A 536 -3.57 -17.02 20.76
C ALA A 536 -4.04 -17.40 19.34
N GLY A 537 -3.34 -18.35 18.72
CA GLY A 537 -3.70 -18.80 17.40
C GLY A 537 -4.67 -19.96 17.43
N PRO A 538 -5.12 -20.43 16.26
CA PRO A 538 -6.07 -21.54 16.14
C PRO A 538 -5.54 -22.86 16.66
N LYS A 539 -6.46 -23.67 17.17
CA LYS A 539 -6.13 -24.97 17.72
C LYS A 539 -7.16 -25.97 17.23
N LEU A 540 -6.71 -27.15 16.81
CA LEU A 540 -7.63 -28.18 16.32
C LEU A 540 -8.18 -29.05 17.46
#